data_9F8S
#
_entry.id   9F8S
#
_cell.length_a   54.018
_cell.length_b   68.900
_cell.length_c   54.082
_cell.angle_alpha   90.00
_cell.angle_beta   100.31
_cell.angle_gamma   90.00
#
_symmetry.space_group_name_H-M   'P 1 21 1'
#
loop_
_entity.id
_entity.type
_entity.pdbx_description
1 polymer 'Phenazine biosynthesis protein A/B'
2 non-polymer GLYCEROL
3 non-polymer (4-chlorophenyl)-(6-oxidanyl-2-phenyl-1-benzothiophen-3-yl)methanone
4 water water
#
_entity_poly.entity_id   1
_entity_poly.type   'polypeptide(L)'
_entity_poly.pdbx_seq_one_letter_code
;MGSSHHHHHHSSGLVPRGSHMSDVESLENTSENRAQVAARQHNRKIVEQYMHTRGEARLKRHLLFTEDGVGGLWTTDSGQ
PIAIRGREKLGEHAVWSLQCFPDWVWTDIQIFETQDPNWFWVECRGEGAIVFPGYPRGQYRNHFLHSFRFENGLIKEQRE
FMNPCEQFRSLGIEVPEVRRDGLPS
;
_entity_poly.pdbx_strand_id   A,B
#
loop_
_chem_comp.id
_chem_comp.type
_chem_comp.name
_chem_comp.formula
A1IAM non-polymer (4-chlorophenyl)-(6-oxidanyl-2-phenyl-1-benzothiophen-3-yl)methanone 'C21 H13 Cl O2 S'
GOL non-polymer GLYCEROL 'C3 H8 O3'
#
# COMPACT_ATOMS: atom_id res chain seq x y z
N GLU A 32 1.54 -10.36 -30.94
CA GLU A 32 1.56 -9.36 -29.87
C GLU A 32 1.49 -10.09 -28.52
N ASN A 33 0.59 -11.08 -28.45
CA ASN A 33 0.45 -11.82 -27.20
C ASN A 33 1.74 -12.55 -26.85
N ARG A 34 2.45 -13.06 -27.85
CA ARG A 34 3.70 -13.76 -27.60
C ARG A 34 4.76 -12.81 -27.02
N ALA A 35 4.79 -11.57 -27.51
CA ALA A 35 5.74 -10.60 -26.97
C ALA A 35 5.35 -10.18 -25.56
N GLN A 36 4.05 -10.09 -25.27
CA GLN A 36 3.65 -9.69 -23.93
C GLN A 36 3.92 -10.80 -22.93
N VAL A 37 3.66 -12.05 -23.31
CA VAL A 37 3.94 -13.17 -22.42
C VAL A 37 5.43 -13.25 -22.12
N ALA A 38 6.26 -13.10 -23.15
CA ALA A 38 7.70 -13.14 -22.95
C ALA A 38 8.16 -12.03 -22.02
N ALA A 39 7.65 -10.81 -22.21
CA ALA A 39 8.01 -9.72 -21.32
C ALA A 39 7.62 -10.03 -19.88
N ARG A 40 6.40 -10.51 -19.67
CA ARG A 40 5.96 -10.75 -18.30
C ARG A 40 6.80 -11.83 -17.62
N GLN A 41 7.15 -12.89 -18.36
CA GLN A 41 7.95 -13.96 -17.77
C GLN A 41 9.34 -13.45 -17.40
N HIS A 42 9.94 -12.62 -18.26
CA HIS A 42 11.25 -12.08 -17.94
C HIS A 42 11.17 -11.10 -16.78
N ASN A 43 10.21 -10.17 -16.84
CA ASN A 43 10.10 -9.17 -15.79
C ASN A 43 9.85 -9.83 -14.43
N ARG A 44 9.07 -10.91 -14.41
CA ARG A 44 8.84 -11.57 -13.13
C ARG A 44 10.15 -12.06 -12.53
N LYS A 45 11.06 -12.58 -13.35
CA LYS A 45 12.36 -13.02 -12.84
C LYS A 45 13.13 -11.87 -12.21
N ILE A 46 13.05 -10.67 -12.80
CA ILE A 46 13.73 -9.51 -12.23
C ILE A 46 13.12 -9.12 -10.89
N VAL A 47 11.78 -9.18 -10.78
CA VAL A 47 11.14 -8.88 -9.50
C VAL A 47 11.59 -9.87 -8.44
N GLU A 48 11.60 -11.16 -8.79
CA GLU A 48 12.07 -12.18 -7.85
C GLU A 48 13.51 -11.89 -7.43
N GLN A 49 14.36 -11.55 -8.40
CA GLN A 49 15.75 -11.26 -8.07
C GLN A 49 15.85 -10.06 -7.14
N TYR A 50 15.12 -9.00 -7.45
CA TYR A 50 15.12 -7.82 -6.59
C TYR A 50 14.70 -8.16 -5.17
N MET A 51 13.56 -8.83 -5.02
CA MET A 51 13.06 -9.10 -3.68
C MET A 51 13.96 -10.04 -2.88
N HIS A 52 14.75 -10.87 -3.54
CA HIS A 52 15.63 -11.78 -2.85
C HIS A 52 17.07 -11.26 -2.74
N THR A 53 17.30 -10.01 -3.12
CA THR A 53 18.64 -9.44 -3.03
C THR A 53 18.93 -9.07 -1.59
N ARG A 54 19.97 -9.67 -1.02
CA ARG A 54 20.31 -9.49 0.37
C ARG A 54 21.81 -9.32 0.51
N GLY A 55 22.22 -8.77 1.65
CA GLY A 55 23.63 -8.73 1.96
C GLY A 55 24.40 -7.85 0.99
N GLU A 56 25.65 -8.24 0.73
CA GLU A 56 26.50 -7.44 -0.15
C GLU A 56 25.95 -7.36 -1.57
N ALA A 57 25.12 -8.34 -1.99
CA ALA A 57 24.50 -8.25 -3.30
C ALA A 57 23.67 -6.98 -3.46
N ARG A 58 23.24 -6.37 -2.35
CA ARG A 58 22.50 -5.12 -2.42
C ARG A 58 23.31 -4.02 -3.09
N LEU A 59 24.64 -4.11 -3.06
CA LEU A 59 25.48 -3.11 -3.72
C LEU A 59 25.33 -3.14 -5.23
N LYS A 60 24.76 -4.21 -5.80
CA LYS A 60 24.60 -4.33 -7.24
C LYS A 60 23.14 -4.36 -7.66
N ARG A 61 22.20 -4.15 -6.74
CA ARG A 61 20.79 -4.21 -7.10
C ARG A 61 20.41 -3.12 -8.09
N HIS A 62 21.15 -2.01 -8.11
CA HIS A 62 20.84 -0.94 -9.06
C HIS A 62 21.00 -1.39 -10.51
N LEU A 63 21.76 -2.47 -10.76
CA LEU A 63 21.90 -2.97 -12.12
C LEU A 63 20.61 -3.59 -12.65
N LEU A 64 19.59 -3.73 -11.80
CA LEU A 64 18.29 -4.22 -12.24
C LEU A 64 17.42 -3.10 -12.79
N PHE A 65 17.91 -1.87 -12.77
CA PHE A 65 17.18 -0.70 -13.23
C PHE A 65 17.70 -0.22 -14.58
N THR A 66 16.83 0.48 -15.30
CA THR A 66 17.27 1.27 -16.44
C THR A 66 18.22 2.36 -15.98
N GLU A 67 18.96 2.93 -16.93
CA GLU A 67 19.96 3.94 -16.55
C GLU A 67 19.30 5.12 -15.85
N ASP A 68 18.10 5.50 -16.30
CA ASP A 68 17.33 6.59 -15.72
C ASP A 68 16.26 6.08 -14.75
N GLY A 69 16.40 4.85 -14.26
CA GLY A 69 15.41 4.29 -13.39
C GLY A 69 15.29 5.02 -12.06
N VAL A 70 14.11 4.90 -11.47
CA VAL A 70 13.77 5.57 -10.22
C VAL A 70 13.32 4.53 -9.21
N GLY A 71 13.78 4.67 -7.96
CA GLY A 71 13.29 3.85 -6.89
C GLY A 71 13.15 4.69 -5.63
N GLY A 72 12.42 4.17 -4.66
CA GLY A 72 12.37 4.85 -3.38
C GLY A 72 11.15 4.53 -2.56
N LEU A 73 10.98 5.32 -1.50
CA LEU A 73 9.95 5.13 -0.49
C LEU A 73 8.86 6.16 -0.71
N TRP A 74 7.64 5.70 -0.93
CA TRP A 74 6.57 6.63 -1.28
C TRP A 74 5.78 7.11 -0.08
N THR A 75 5.99 6.51 1.10
CA THR A 75 5.20 6.78 2.29
C THR A 75 6.16 7.23 3.39
N THR A 76 6.16 8.55 3.67
CA THR A 76 7.09 9.11 4.63
C THR A 76 6.34 10.09 5.54
N ASP A 77 7.04 10.61 6.55
CA ASP A 77 6.37 11.50 7.49
C ASP A 77 5.95 12.81 6.83
N SER A 78 6.68 13.23 5.80
CA SER A 78 6.40 14.51 5.15
C SER A 78 5.24 14.43 4.16
N GLY A 79 4.85 13.23 3.75
CA GLY A 79 3.86 13.08 2.71
C GLY A 79 4.41 13.13 1.31
N GLN A 80 5.70 13.39 1.16
CA GLN A 80 6.32 13.35 -0.15
C GLN A 80 7.22 12.12 -0.27
N PRO A 81 7.27 11.50 -1.44
CA PRO A 81 8.20 10.37 -1.61
C PRO A 81 9.65 10.80 -1.43
N ILE A 82 10.46 9.85 -0.98
CA ILE A 82 11.91 9.95 -1.06
C ILE A 82 12.32 9.11 -2.25
N ALA A 83 12.48 9.76 -3.40
CA ALA A 83 12.74 9.10 -4.66
C ALA A 83 14.22 9.24 -5.02
N ILE A 84 14.83 8.13 -5.43
CA ILE A 84 16.23 8.08 -5.84
C ILE A 84 16.23 7.96 -7.36
N ARG A 85 16.81 8.95 -8.05
CA ARG A 85 16.66 9.07 -9.49
C ARG A 85 17.96 8.74 -10.20
N GLY A 86 17.93 7.68 -10.99
CA GLY A 86 19.09 7.33 -11.78
C GLY A 86 19.85 6.16 -11.21
N ARG A 87 20.30 5.30 -12.09
CA ARG A 87 20.99 4.09 -11.65
C ARG A 87 22.19 4.44 -10.78
N GLU A 88 22.90 5.53 -11.09
CA GLU A 88 24.08 5.87 -10.30
C GLU A 88 23.71 6.30 -8.89
N LYS A 89 22.67 7.13 -8.75
CA LYS A 89 22.21 7.50 -7.42
C LYS A 89 21.63 6.29 -6.68
N LEU A 90 21.03 5.35 -7.39
CA LEU A 90 20.53 4.14 -6.73
C LEU A 90 21.67 3.33 -6.15
N GLY A 91 22.80 3.25 -6.86
CA GLY A 91 23.95 2.55 -6.34
C GLY A 91 24.53 3.21 -5.12
N GLU A 92 24.57 4.55 -5.11
CA GLU A 92 25.05 5.27 -3.94
C GLU A 92 24.13 5.05 -2.75
N HIS A 93 22.81 5.02 -2.98
CA HIS A 93 21.88 4.80 -1.88
C HIS A 93 22.09 3.43 -1.25
N ALA A 94 22.44 2.42 -2.05
CA ALA A 94 22.65 1.08 -1.50
C ALA A 94 23.74 1.08 -0.45
N VAL A 95 24.76 1.93 -0.62
CA VAL A 95 25.79 2.07 0.41
C VAL A 95 25.15 2.51 1.71
N TRP A 96 24.29 3.54 1.65
CA TRP A 96 23.62 4.00 2.86
C TRP A 96 22.68 2.92 3.39
N SER A 97 21.97 2.25 2.48
CA SER A 97 21.03 1.20 2.87
C SER A 97 21.72 0.13 3.72
N LEU A 98 22.91 -0.32 3.29
CA LEU A 98 23.62 -1.36 4.02
C LEU A 98 24.13 -0.89 5.36
N GLN A 99 24.31 0.41 5.54
CA GLN A 99 24.69 0.93 6.85
C GLN A 99 23.48 1.02 7.77
N CYS A 100 22.39 1.58 7.27
CA CYS A 100 21.22 1.84 8.11
C CYS A 100 20.33 0.62 8.29
N PHE A 101 20.35 -0.31 7.33
CA PHE A 101 19.56 -1.53 7.39
C PHE A 101 20.48 -2.71 7.10
N PRO A 102 21.38 -3.04 8.03
CA PRO A 102 22.52 -3.89 7.67
C PRO A 102 22.17 -5.35 7.41
N ASP A 103 21.04 -5.85 7.90
CA ASP A 103 20.69 -7.26 7.71
C ASP A 103 19.27 -7.40 7.17
N TRP A 104 18.79 -6.40 6.45
CA TRP A 104 17.41 -6.36 6.00
C TRP A 104 17.06 -7.56 5.14
N VAL A 105 15.88 -8.13 5.38
CA VAL A 105 15.33 -9.17 4.51
C VAL A 105 13.87 -8.87 4.23
N TRP A 106 13.45 -9.18 3.01
CA TRP A 106 12.05 -9.24 2.65
C TRP A 106 11.55 -10.67 2.85
N THR A 107 10.36 -10.81 3.42
CA THR A 107 9.78 -12.11 3.74
C THR A 107 8.32 -12.15 3.31
N ASP A 108 7.74 -13.35 3.32
CA ASP A 108 6.33 -13.53 2.98
C ASP A 108 6.02 -12.89 1.64
N ILE A 109 6.90 -13.12 0.67
CA ILE A 109 6.84 -12.43 -0.61
C ILE A 109 5.76 -13.05 -1.48
N GLN A 110 4.84 -12.22 -1.95
CA GLN A 110 3.82 -12.62 -2.91
C GLN A 110 3.90 -11.68 -4.10
N ILE A 111 4.22 -12.23 -5.27
CA ILE A 111 4.37 -11.43 -6.48
C ILE A 111 3.08 -11.48 -7.28
N PHE A 112 2.59 -10.32 -7.69
CA PHE A 112 1.40 -10.22 -8.52
C PHE A 112 1.77 -9.70 -9.91
N GLU A 113 1.58 -10.55 -10.91
CA GLU A 113 1.55 -10.09 -12.28
C GLU A 113 0.27 -9.28 -12.50
N THR A 114 0.25 -8.46 -13.54
CA THR A 114 -0.97 -7.74 -13.88
C THR A 114 -1.25 -7.87 -15.38
N GLN A 115 -2.34 -7.25 -15.81
CA GLN A 115 -2.66 -7.24 -17.23
C GLN A 115 -1.62 -6.48 -18.05
N ASP A 116 -0.83 -5.63 -17.38
CA ASP A 116 0.30 -4.94 -18.00
C ASP A 116 1.53 -5.82 -17.80
N PRO A 117 2.11 -6.41 -18.86
CA PRO A 117 3.29 -7.26 -18.65
C PRO A 117 4.46 -6.51 -18.05
N ASN A 118 4.42 -5.18 -18.06
CA ASN A 118 5.50 -4.36 -17.53
C ASN A 118 5.17 -3.75 -16.17
N TRP A 119 4.13 -4.24 -15.48
CA TRP A 119 3.76 -3.71 -14.18
C TRP A 119 3.46 -4.85 -13.24
N PHE A 120 4.20 -4.91 -12.14
CA PHE A 120 4.01 -5.92 -11.09
C PHE A 120 3.79 -5.23 -9.76
N TRP A 121 3.10 -5.92 -8.86
CA TRP A 121 2.98 -5.51 -7.47
C TRP A 121 3.48 -6.65 -6.61
N VAL A 122 4.03 -6.31 -5.44
CA VAL A 122 4.50 -7.29 -4.48
C VAL A 122 3.95 -6.93 -3.12
N GLU A 123 3.33 -7.91 -2.45
CA GLU A 123 3.00 -7.78 -1.04
C GLU A 123 4.02 -8.59 -0.25
N CYS A 124 4.54 -8.00 0.81
CA CYS A 124 5.55 -8.71 1.59
C CYS A 124 5.66 -8.05 2.97
N ARG A 125 6.47 -8.65 3.81
CA ARG A 125 6.95 -8.03 5.03
C ARG A 125 8.44 -7.81 4.90
N GLY A 126 8.98 -6.94 5.74
CA GLY A 126 10.39 -6.69 5.77
C GLY A 126 10.84 -6.49 7.20
N GLU A 127 12.06 -6.92 7.49
CA GLU A 127 12.54 -6.77 8.86
C GLU A 127 14.06 -6.73 8.93
N GLY A 128 14.55 -6.12 9.99
CA GLY A 128 15.97 -6.06 10.23
C GLY A 128 16.29 -5.00 11.27
N ALA A 129 17.55 -4.98 11.66
CA ALA A 129 18.03 -3.89 12.51
C ALA A 129 17.87 -2.58 11.77
N ILE A 130 17.59 -1.51 12.52
CA ILE A 130 17.57 -0.16 11.97
C ILE A 130 18.60 0.66 12.73
N VAL A 131 19.54 1.25 11.99
CA VAL A 131 20.66 1.96 12.56
C VAL A 131 20.70 3.34 11.92
N PHE A 132 19.79 4.22 12.34
CA PHE A 132 19.66 5.55 11.76
C PHE A 132 20.54 6.55 12.51
N PRO A 133 21.12 7.50 11.80
CA PRO A 133 22.00 8.49 12.46
C PRO A 133 21.27 9.23 13.56
N GLY A 134 21.82 9.17 14.77
CA GLY A 134 21.28 9.95 15.86
C GLY A 134 20.07 9.36 16.53
N TYR A 135 19.76 8.09 16.26
CA TYR A 135 18.71 7.37 16.95
C TYR A 135 19.31 6.11 17.57
N PRO A 136 18.71 5.59 18.65
CA PRO A 136 19.19 4.31 19.20
C PRO A 136 19.01 3.20 18.18
N ARG A 137 19.96 2.27 18.17
CA ARG A 137 19.79 1.08 17.34
C ARG A 137 18.48 0.40 17.71
N GLY A 138 17.77 -0.10 16.70
CA GLY A 138 16.47 -0.69 16.93
C GLY A 138 16.26 -1.91 16.04
N GLN A 139 15.07 -2.48 16.17
CA GLN A 139 14.60 -3.56 15.30
C GLN A 139 13.34 -3.05 14.61
N TYR A 140 13.35 -3.07 13.30
CA TYR A 140 12.27 -2.52 12.48
C TYR A 140 11.61 -3.67 11.73
N ARG A 141 10.29 -3.79 11.86
CA ARG A 141 9.49 -4.76 11.12
C ARG A 141 8.32 -4.00 10.52
N ASN A 142 7.98 -4.29 9.27
CA ASN A 142 6.83 -3.62 8.68
C ASN A 142 6.25 -4.46 7.55
N HIS A 143 5.04 -4.10 7.18
CA HIS A 143 4.34 -4.64 6.02
C HIS A 143 4.55 -3.69 4.85
N PHE A 144 4.80 -4.25 3.68
CA PHE A 144 5.13 -3.45 2.52
C PHE A 144 4.34 -3.86 1.30
N LEU A 145 4.03 -2.87 0.47
CA LEU A 145 3.63 -3.07 -0.91
C LEU A 145 4.68 -2.44 -1.82
N HIS A 146 5.09 -3.16 -2.87
CA HIS A 146 6.02 -2.65 -3.86
C HIS A 146 5.35 -2.61 -5.22
N SER A 147 5.62 -1.55 -5.97
CA SER A 147 5.21 -1.38 -7.35
C SER A 147 6.47 -1.44 -8.22
N PHE A 148 6.45 -2.27 -9.26
CA PHE A 148 7.56 -2.37 -10.22
C PHE A 148 7.03 -2.11 -11.63
N ARG A 149 7.55 -1.08 -12.29
CA ARG A 149 7.26 -0.83 -13.68
C ARG A 149 8.54 -0.98 -14.51
N PHE A 150 8.39 -1.63 -15.66
CA PHE A 150 9.52 -2.08 -16.46
C PHE A 150 9.58 -1.39 -17.80
N GLU A 151 10.80 -1.29 -18.33
CA GLU A 151 11.05 -0.80 -19.69
C GLU A 151 12.23 -1.59 -20.24
N ASN A 152 12.02 -2.26 -21.36
CA ASN A 152 13.11 -2.97 -22.06
C ASN A 152 13.86 -3.90 -21.11
N GLY A 153 13.11 -4.64 -20.32
CA GLY A 153 13.67 -5.72 -19.52
C GLY A 153 14.22 -5.34 -18.17
N LEU A 154 14.18 -4.06 -17.80
CA LEU A 154 14.70 -3.64 -16.52
C LEU A 154 13.71 -2.70 -15.83
N ILE A 155 13.98 -2.45 -14.55
CA ILE A 155 13.08 -1.65 -13.75
C ILE A 155 13.23 -0.18 -14.09
N LYS A 156 12.12 0.43 -14.52
CA LYS A 156 12.05 1.88 -14.75
C LYS A 156 11.59 2.62 -13.51
N GLU A 157 10.69 2.05 -12.71
CA GLU A 157 10.19 2.70 -11.52
C GLU A 157 9.85 1.64 -10.48
N GLN A 158 10.52 1.73 -9.33
CA GLN A 158 10.19 0.93 -8.16
C GLN A 158 9.71 1.89 -7.08
N ARG A 159 8.61 1.54 -6.42
CA ARG A 159 8.07 2.34 -5.33
C ARG A 159 7.69 1.40 -4.19
N GLU A 160 8.04 1.76 -2.96
CA GLU A 160 7.57 0.96 -1.83
C GLU A 160 6.68 1.80 -0.92
N PHE A 161 5.66 1.12 -0.38
CA PHE A 161 4.61 1.73 0.42
C PHE A 161 4.51 0.97 1.73
N MET A 162 4.56 1.69 2.85
CA MET A 162 4.38 1.06 4.15
C MET A 162 3.66 2.04 5.05
N ASN A 163 3.49 1.63 6.31
CA ASN A 163 2.92 2.48 7.34
C ASN A 163 4.05 3.12 8.14
N PRO A 164 4.29 4.42 8.00
CA PRO A 164 5.46 5.00 8.69
C PRO A 164 5.38 4.92 10.20
N CYS A 165 4.18 4.74 10.77
CA CYS A 165 4.10 4.62 12.23
C CYS A 165 4.95 3.49 12.76
N GLU A 166 5.08 2.38 12.03
CA GLU A 166 5.92 1.29 12.53
C GLU A 166 7.39 1.67 12.48
N GLN A 167 7.80 2.50 11.51
CA GLN A 167 9.19 2.94 11.51
C GLN A 167 9.44 3.93 12.65
N PHE A 168 8.49 4.84 12.92
CA PHE A 168 8.59 5.69 14.09
C PHE A 168 8.85 4.85 15.35
N ARG A 169 8.04 3.81 15.55
CA ARG A 169 8.20 2.97 16.74
C ARG A 169 9.59 2.35 16.81
N SER A 170 10.11 1.85 15.70
CA SER A 170 11.44 1.22 15.71
C SER A 170 12.52 2.21 16.11
N LEU A 171 12.29 3.50 15.87
CA LEU A 171 13.24 4.55 16.19
C LEU A 171 12.99 5.18 17.54
N GLY A 172 12.01 4.69 18.30
CA GLY A 172 11.67 5.29 19.57
C GLY A 172 10.90 6.58 19.49
N ILE A 173 10.36 6.91 18.32
CA ILE A 173 9.60 8.14 18.12
C ILE A 173 8.16 7.91 18.54
N GLU A 174 7.61 8.84 19.30
CA GLU A 174 6.23 8.74 19.77
C GLU A 174 5.27 8.82 18.59
N VAL A 175 4.32 7.90 18.53
CA VAL A 175 3.30 7.87 17.48
C VAL A 175 2.05 8.54 18.02
N PRO A 176 1.50 9.56 17.35
CA PRO A 176 0.25 10.13 17.82
C PRO A 176 -0.85 9.09 17.71
N GLU A 177 -1.87 9.25 18.56
CA GLU A 177 -3.01 8.35 18.59
C GLU A 177 -4.25 9.16 18.26
N VAL A 178 -5.01 8.69 17.28
CA VAL A 178 -6.32 9.28 17.02
C VAL A 178 -7.25 8.85 18.14
N ARG A 179 -7.91 9.82 18.77
CA ARG A 179 -8.85 9.53 19.84
C ARG A 179 -10.07 8.81 19.27
N ARG A 180 -10.40 7.66 19.85
N ARG A 180 -10.41 7.66 19.85
CA ARG A 180 -11.45 6.81 19.33
CA ARG A 180 -11.47 6.82 19.31
C ARG A 180 -12.68 6.71 20.23
C ARG A 180 -12.68 6.73 20.22
N ASP A 181 -12.76 7.55 21.26
CA ASP A 181 -13.89 7.49 22.18
C ASP A 181 -15.21 7.68 21.44
N GLY A 182 -15.25 8.62 20.51
CA GLY A 182 -16.45 8.93 19.79
C GLY A 182 -16.73 8.05 18.61
N LEU A 183 -15.82 7.13 18.31
CA LEU A 183 -15.91 6.23 17.17
C LEU A 183 -16.43 4.88 17.61
N PRO A 184 -17.02 4.11 16.68
N PRO A 184 -17.02 4.11 16.68
CA PRO A 184 -17.53 2.79 17.05
CA PRO A 184 -17.53 2.79 17.05
C PRO A 184 -16.40 1.83 17.42
C PRO A 184 -16.40 1.83 17.42
N SER A 185 -16.65 1.01 18.44
CA SER A 185 -15.67 0.03 18.89
C SER A 185 -16.38 -1.17 19.50
N GLU B 32 -10.68 -25.02 -17.44
CA GLU B 32 -10.19 -24.23 -16.31
C GLU B 32 -9.97 -22.78 -16.73
N ASN B 33 -9.28 -22.59 -17.85
CA ASN B 33 -9.03 -21.25 -18.34
C ASN B 33 -10.33 -20.47 -18.51
N ARG B 34 -11.37 -21.13 -19.06
CA ARG B 34 -12.64 -20.46 -19.26
C ARG B 34 -13.27 -20.06 -17.93
N ALA B 35 -13.25 -20.96 -16.94
CA ALA B 35 -13.77 -20.62 -15.62
C ALA B 35 -12.96 -19.51 -14.96
N GLN B 36 -11.64 -19.47 -15.23
CA GLN B 36 -10.83 -18.41 -14.65
C GLN B 36 -11.07 -17.08 -15.34
N VAL B 37 -11.14 -17.08 -16.67
CA VAL B 37 -11.42 -15.85 -17.39
C VAL B 37 -12.78 -15.30 -16.97
N ALA B 38 -13.77 -16.19 -16.84
CA ALA B 38 -15.11 -15.77 -16.44
C ALA B 38 -15.09 -15.13 -15.05
N ALA B 39 -14.41 -15.78 -14.10
CA ALA B 39 -14.29 -15.22 -12.76
C ALA B 39 -13.66 -13.83 -12.79
N ARG B 40 -12.57 -13.68 -13.56
CA ARG B 40 -11.84 -12.42 -13.51
C ARG B 40 -12.68 -11.28 -14.12
N GLN B 41 -13.35 -11.54 -15.24
CA GLN B 41 -14.19 -10.53 -15.85
C GLN B 41 -15.31 -10.09 -14.91
N HIS B 42 -15.96 -11.04 -14.25
CA HIS B 42 -17.01 -10.69 -13.32
C HIS B 42 -16.46 -9.95 -12.10
N ASN B 43 -15.40 -10.47 -11.51
CA ASN B 43 -14.82 -9.85 -10.33
C ASN B 43 -14.36 -8.42 -10.64
N ARG B 44 -13.85 -8.18 -11.84
CA ARG B 44 -13.40 -6.83 -12.18
C ARG B 44 -14.57 -5.85 -12.14
N LYS B 45 -15.75 -6.29 -12.58
CA LYS B 45 -16.92 -5.42 -12.55
C LYS B 45 -17.30 -5.05 -11.12
N ILE B 46 -17.14 -5.99 -10.19
CA ILE B 46 -17.44 -5.72 -8.78
C ILE B 46 -16.43 -4.71 -8.22
N VAL B 47 -15.16 -4.85 -8.58
CA VAL B 47 -14.15 -3.89 -8.11
C VAL B 47 -14.49 -2.50 -8.63
N GLU B 48 -14.81 -2.40 -9.92
CA GLU B 48 -15.19 -1.10 -10.49
C GLU B 48 -16.39 -0.52 -9.75
N GLN B 49 -17.40 -1.34 -9.50
CA GLN B 49 -18.59 -0.84 -8.83
C GLN B 49 -18.25 -0.37 -7.42
N TYR B 50 -17.43 -1.14 -6.69
CA TYR B 50 -17.01 -0.73 -5.36
C TYR B 50 -16.30 0.62 -5.40
N MET B 51 -15.30 0.76 -6.27
CA MET B 51 -14.50 1.97 -6.30
C MET B 51 -15.31 3.18 -6.74
N HIS B 52 -16.38 2.99 -7.50
CA HIS B 52 -17.21 4.09 -7.96
C HIS B 52 -18.39 4.39 -7.03
N THR B 53 -18.53 3.65 -5.93
CA THR B 53 -19.68 3.80 -5.05
C THR B 53 -19.49 5.05 -4.19
N ARG B 54 -20.44 5.97 -4.28
CA ARG B 54 -20.39 7.23 -3.57
C ARG B 54 -21.76 7.54 -2.99
N GLY B 55 -21.78 8.51 -2.08
CA GLY B 55 -23.04 9.03 -1.58
C GLY B 55 -23.88 7.95 -0.93
N GLU B 56 -25.19 8.05 -1.13
CA GLU B 56 -26.09 7.14 -0.44
C GLU B 56 -25.93 5.70 -0.88
N ALA B 57 -25.39 5.46 -2.07
CA ALA B 57 -25.14 4.08 -2.50
C ALA B 57 -24.17 3.38 -1.57
N ARG B 58 -23.36 4.12 -0.80
CA ARG B 58 -22.47 3.49 0.16
C ARG B 58 -23.22 2.68 1.20
N LEU B 59 -24.49 2.98 1.41
CA LEU B 59 -25.29 2.20 2.36
C LEU B 59 -25.54 0.77 1.88
N LYS B 60 -25.36 0.48 0.60
CA LYS B 60 -25.56 -0.86 0.08
C LYS B 60 -24.27 -1.50 -0.43
N ARG B 61 -23.12 -0.86 -0.21
CA ARG B 61 -21.87 -1.41 -0.73
C ARG B 61 -21.54 -2.76 -0.09
N HIS B 62 -22.03 -3.00 1.13
CA HIS B 62 -21.77 -4.27 1.80
C HIS B 62 -22.40 -5.45 1.05
N LEU B 63 -23.38 -5.20 0.18
CA LEU B 63 -23.95 -6.28 -0.62
C LEU B 63 -22.97 -6.80 -1.66
N LEU B 64 -21.83 -6.15 -1.84
CA LEU B 64 -20.79 -6.66 -2.73
C LEU B 64 -19.91 -7.69 -2.04
N PHE B 65 -20.15 -7.98 -0.76
CA PHE B 65 -19.34 -8.91 0.01
C PHE B 65 -20.06 -10.24 0.22
N THR B 66 -19.26 -11.27 0.50
CA THR B 66 -19.81 -12.51 1.01
C THR B 66 -20.37 -12.29 2.42
N GLU B 67 -21.22 -13.23 2.86
CA GLU B 67 -21.85 -13.10 4.16
C GLU B 67 -20.80 -12.92 5.26
N ASP B 68 -19.69 -13.64 5.17
CA ASP B 68 -18.63 -13.58 6.14
C ASP B 68 -17.47 -12.71 5.67
N GLY B 69 -17.70 -11.84 4.70
CA GLY B 69 -16.64 -11.02 4.18
C GLY B 69 -16.11 -10.02 5.19
N VAL B 70 -14.87 -9.61 4.94
CA VAL B 70 -14.13 -8.70 5.82
C VAL B 70 -13.67 -7.51 4.99
N GLY B 71 -13.77 -6.32 5.57
CA GLY B 71 -13.18 -5.15 4.96
C GLY B 71 -12.57 -4.26 6.03
N GLY B 72 -11.71 -3.35 5.61
CA GLY B 72 -11.27 -2.35 6.56
C GLY B 72 -9.94 -1.72 6.19
N LEU B 73 -9.37 -1.04 7.18
CA LEU B 73 -8.17 -0.22 7.01
C LEU B 73 -6.99 -0.93 7.65
N TRP B 74 -5.99 -1.25 6.85
CA TRP B 74 -4.88 -2.04 7.35
C TRP B 74 -3.73 -1.21 7.89
N THR B 75 -3.77 0.11 7.73
CA THR B 75 -2.67 0.99 8.10
C THR B 75 -3.20 2.06 9.04
N THR B 76 -2.92 1.90 10.33
CA THR B 76 -3.42 2.78 11.37
C THR B 76 -2.28 3.18 12.31
N ASP B 77 -2.59 4.08 13.24
CA ASP B 77 -1.55 4.53 14.17
C ASP B 77 -1.13 3.42 15.12
N SER B 78 -2.00 2.45 15.39
CA SER B 78 -1.67 1.39 16.33
C SER B 78 -0.78 0.32 15.72
N GLY B 79 -0.76 0.20 14.39
CA GLY B 79 -0.09 -0.91 13.73
C GLY B 79 -0.97 -2.10 13.50
N GLN B 80 -2.16 -2.10 14.04
CA GLN B 80 -3.13 -3.17 13.86
C GLN B 80 -4.24 -2.72 12.92
N PRO B 81 -4.69 -3.59 12.02
CA PRO B 81 -5.81 -3.21 11.15
C PRO B 81 -7.06 -2.90 11.95
N ILE B 82 -7.91 -2.04 11.37
CA ILE B 82 -9.28 -1.87 11.83
C ILE B 82 -10.13 -2.65 10.84
N ALA B 83 -10.45 -3.89 11.18
CA ALA B 83 -11.14 -4.81 10.28
C ALA B 83 -12.61 -4.92 10.70
N ILE B 84 -13.50 -4.90 9.71
CA ILE B 84 -14.93 -5.05 9.93
C ILE B 84 -15.31 -6.43 9.42
N ARG B 85 -15.85 -7.28 10.29
CA ARG B 85 -16.04 -8.70 9.98
C ARG B 85 -17.50 -9.03 9.81
N GLY B 86 -17.87 -9.42 8.60
CA GLY B 86 -19.22 -9.89 8.36
C GLY B 86 -20.01 -8.85 7.60
N ARG B 87 -20.83 -9.33 6.66
N ARG B 87 -20.83 -9.33 6.66
CA ARG B 87 -21.57 -8.42 5.81
CA ARG B 87 -21.58 -8.43 5.79
C ARG B 87 -22.44 -7.47 6.62
C ARG B 87 -22.48 -7.49 6.59
N GLU B 88 -23.02 -7.96 7.71
CA GLU B 88 -23.94 -7.13 8.49
C GLU B 88 -23.19 -6.01 9.21
N LYS B 89 -22.03 -6.32 9.80
CA LYS B 89 -21.22 -5.27 10.42
C LYS B 89 -20.67 -4.29 9.38
N LEU B 90 -20.36 -4.76 8.18
CA LEU B 90 -19.95 -3.84 7.13
C LEU B 90 -21.05 -2.83 6.84
N GLY B 91 -22.31 -3.28 6.84
CA GLY B 91 -23.40 -2.37 6.56
C GLY B 91 -23.59 -1.36 7.68
N GLU B 92 -23.41 -1.80 8.93
CA GLU B 92 -23.45 -0.86 10.04
C GLU B 92 -22.31 0.15 9.94
N HIS B 93 -21.12 -0.31 9.55
CA HIS B 93 -20.00 0.63 9.43
C HIS B 93 -20.28 1.68 8.37
N ALA B 94 -21.06 1.35 7.33
CA ALA B 94 -21.36 2.34 6.30
C ALA B 94 -22.07 3.55 6.88
N VAL B 95 -22.89 3.34 7.92
CA VAL B 95 -23.56 4.45 8.58
C VAL B 95 -22.54 5.42 9.16
N TRP B 96 -21.56 4.87 9.88
CA TRP B 96 -20.50 5.72 10.44
C TRP B 96 -19.67 6.35 9.33
N SER B 97 -19.38 5.58 8.28
CA SER B 97 -18.60 6.10 7.17
C SER B 97 -19.24 7.36 6.60
N LEU B 98 -20.56 7.36 6.45
CA LEU B 98 -21.25 8.50 5.87
C LEU B 98 -21.34 9.68 6.82
N GLN B 99 -21.18 9.44 8.12
CA GLN B 99 -21.10 10.55 9.06
C GLN B 99 -19.71 11.17 9.05
N CYS B 100 -18.67 10.33 9.10
CA CYS B 100 -17.32 10.82 9.29
C CYS B 100 -16.60 11.15 7.99
N PHE B 101 -17.05 10.57 6.88
CA PHE B 101 -16.51 10.86 5.55
C PHE B 101 -17.68 11.15 4.62
N PRO B 102 -18.38 12.27 4.84
CA PRO B 102 -19.71 12.42 4.24
C PRO B 102 -19.72 12.55 2.73
N ASP B 103 -18.63 12.98 2.10
CA ASP B 103 -18.62 13.19 0.66
C ASP B 103 -17.44 12.51 -0.02
N TRP B 104 -17.02 11.36 0.52
CA TRP B 104 -15.80 10.71 0.07
C TRP B 104 -15.89 10.29 -1.39
N VAL B 105 -14.83 10.56 -2.15
CA VAL B 105 -14.69 10.11 -3.53
C VAL B 105 -13.34 9.42 -3.69
N TRP B 106 -13.34 8.28 -4.38
CA TRP B 106 -12.12 7.69 -4.91
C TRP B 106 -11.85 8.22 -6.31
N THR B 107 -10.64 8.71 -6.54
CA THR B 107 -10.25 9.26 -7.83
C THR B 107 -9.02 8.53 -8.36
N ASP B 108 -8.69 8.78 -9.62
CA ASP B 108 -7.44 8.28 -10.20
C ASP B 108 -7.34 6.77 -10.08
N ILE B 109 -8.44 6.09 -10.37
CA ILE B 109 -8.56 4.67 -10.11
C ILE B 109 -7.83 3.89 -11.20
N GLN B 110 -6.89 3.05 -10.78
CA GLN B 110 -6.23 2.09 -11.66
C GLN B 110 -6.45 0.70 -11.09
N ILE B 111 -7.16 -0.15 -11.82
CA ILE B 111 -7.46 -1.51 -11.39
C ILE B 111 -6.43 -2.47 -11.98
N PHE B 112 -5.87 -3.32 -11.14
CA PHE B 112 -4.91 -4.33 -11.58
C PHE B 112 -5.49 -5.73 -11.39
N GLU B 113 -5.75 -6.41 -12.50
CA GLU B 113 -5.97 -7.84 -12.49
C GLU B 113 -4.67 -8.52 -12.10
N THR B 114 -4.77 -9.77 -11.63
CA THR B 114 -3.57 -10.53 -11.35
C THR B 114 -3.68 -11.93 -11.95
N GLN B 115 -2.64 -12.73 -11.74
CA GLN B 115 -2.66 -14.12 -12.18
C GLN B 115 -3.72 -14.92 -11.43
N ASP B 116 -4.15 -14.45 -10.26
CA ASP B 116 -5.26 -15.05 -9.51
C ASP B 116 -6.54 -14.36 -9.95
N PRO B 117 -7.46 -15.04 -10.64
CA PRO B 117 -8.68 -14.36 -11.08
C PRO B 117 -9.50 -13.81 -9.92
N ASN B 118 -9.22 -14.27 -8.70
CA ASN B 118 -9.96 -13.84 -7.53
C ASN B 118 -9.18 -12.86 -6.67
N TRP B 119 -8.13 -12.24 -7.21
CA TRP B 119 -7.35 -11.27 -6.46
C TRP B 119 -7.04 -10.08 -7.36
N PHE B 120 -7.45 -8.89 -6.90
CA PHE B 120 -7.25 -7.63 -7.61
C PHE B 120 -6.56 -6.65 -6.68
N TRP B 121 -5.80 -5.73 -7.26
CA TRP B 121 -5.27 -4.58 -6.54
C TRP B 121 -5.74 -3.31 -7.24
N VAL B 122 -5.90 -2.24 -6.46
CA VAL B 122 -6.29 -0.94 -6.98
C VAL B 122 -5.35 0.10 -6.43
N GLU B 123 -4.78 0.93 -7.30
CA GLU B 123 -4.08 2.14 -6.88
C GLU B 123 -5.00 3.32 -7.17
N CYS B 124 -5.17 4.20 -6.18
CA CYS B 124 -6.06 5.34 -6.39
C CYS B 124 -5.72 6.44 -5.40
N ARG B 125 -6.45 7.54 -5.51
CA ARG B 125 -6.47 8.58 -4.50
C ARG B 125 -7.87 8.65 -3.92
N GLY B 126 -7.96 9.28 -2.76
CA GLY B 126 -9.25 9.52 -2.14
C GLY B 126 -9.27 10.91 -1.54
N GLU B 127 -10.45 11.50 -1.51
CA GLU B 127 -10.57 12.84 -0.97
C GLU B 127 -11.96 13.09 -0.42
N GLY B 128 -12.02 13.91 0.62
CA GLY B 128 -13.31 14.35 1.13
C GLY B 128 -13.14 15.04 2.46
N ALA B 129 -14.23 15.60 2.94
CA ALA B 129 -14.24 16.13 4.29
C ALA B 129 -14.01 14.99 5.28
N ILE B 130 -13.32 15.31 6.37
CA ILE B 130 -13.16 14.37 7.48
C ILE B 130 -13.82 15.01 8.70
N VAL B 131 -14.78 14.30 9.28
CA VAL B 131 -15.59 14.81 10.38
C VAL B 131 -15.52 13.80 11.52
N PHE B 132 -14.39 13.77 12.23
CA PHE B 132 -14.19 12.81 13.30
C PHE B 132 -14.66 13.39 14.62
N PRO B 133 -15.26 12.56 15.47
CA PRO B 133 -15.74 13.08 16.77
C PRO B 133 -14.61 13.74 17.55
N GLY B 134 -14.86 14.99 17.95
CA GLY B 134 -13.93 15.70 18.81
C GLY B 134 -12.72 16.29 18.13
N TYR B 135 -12.70 16.33 16.81
CA TYR B 135 -11.67 17.00 16.04
C TYR B 135 -12.31 18.08 15.19
N PRO B 136 -11.57 19.13 14.82
CA PRO B 136 -12.14 20.10 13.88
C PRO B 136 -12.42 19.43 12.55
N ARG B 137 -13.48 19.90 11.89
N ARG B 137 -13.47 19.90 11.88
CA ARG B 137 -13.75 19.44 10.53
CA ARG B 137 -13.75 19.43 10.53
C ARG B 137 -12.55 19.77 9.65
C ARG B 137 -12.58 19.78 9.62
N GLY B 138 -12.17 18.82 8.80
CA GLY B 138 -11.01 18.98 7.95
C GLY B 138 -11.28 18.53 6.54
N GLN B 139 -10.26 18.68 5.69
CA GLN B 139 -10.26 18.15 4.34
C GLN B 139 -9.15 17.11 4.27
N TYR B 140 -9.51 15.88 3.92
CA TYR B 140 -8.59 14.75 3.91
C TYR B 140 -8.34 14.31 2.48
N ARG B 141 -7.06 14.27 2.11
CA ARG B 141 -6.63 13.73 0.82
C ARG B 141 -5.55 12.69 1.07
N ASN B 142 -5.59 11.57 0.37
CA ASN B 142 -4.54 10.58 0.53
C ASN B 142 -4.44 9.68 -0.68
N HIS B 143 -3.30 9.02 -0.78
CA HIS B 143 -3.06 7.98 -1.76
C HIS B 143 -3.38 6.63 -1.12
N PHE B 144 -4.01 5.75 -1.90
CA PHE B 144 -4.47 4.48 -1.37
C PHE B 144 -4.09 3.32 -2.28
N LEU B 145 -3.85 2.18 -1.65
CA LEU B 145 -3.83 0.89 -2.31
C LEU B 145 -4.91 0.02 -1.70
N HIS B 146 -5.70 -0.64 -2.54
CA HIS B 146 -6.73 -1.58 -2.10
C HIS B 146 -6.42 -2.97 -2.61
N SER B 147 -6.66 -3.97 -1.75
CA SER B 147 -6.60 -5.39 -2.07
C SER B 147 -8.03 -5.93 -2.05
N PHE B 148 -8.42 -6.66 -3.10
CA PHE B 148 -9.73 -7.30 -3.17
C PHE B 148 -9.53 -8.78 -3.46
N ARG B 149 -9.98 -9.65 -2.55
CA ARG B 149 -10.00 -11.08 -2.78
C ARG B 149 -11.45 -11.55 -2.81
N PHE B 150 -11.75 -12.42 -3.78
CA PHE B 150 -13.11 -12.83 -4.10
C PHE B 150 -13.36 -14.30 -3.77
N GLU B 151 -14.63 -14.60 -3.51
CA GLU B 151 -15.11 -15.97 -3.33
C GLU B 151 -16.50 -16.03 -3.93
N ASN B 152 -16.67 -16.86 -4.95
CA ASN B 152 -17.97 -17.12 -5.56
C ASN B 152 -18.69 -15.83 -5.93
N GLY B 153 -17.96 -14.94 -6.60
CA GLY B 153 -18.56 -13.79 -7.23
C GLY B 153 -18.64 -12.54 -6.37
N LEU B 154 -18.26 -12.62 -5.10
CA LEU B 154 -18.34 -11.49 -4.19
C LEU B 154 -17.05 -11.32 -3.41
N ILE B 155 -16.93 -10.16 -2.77
CA ILE B 155 -15.71 -9.81 -2.06
C ILE B 155 -15.66 -10.58 -0.74
N LYS B 156 -14.60 -11.37 -0.56
CA LYS B 156 -14.33 -12.05 0.70
C LYS B 156 -13.44 -11.23 1.62
N GLU B 157 -12.51 -10.45 1.05
CA GLU B 157 -11.62 -9.63 1.86
C GLU B 157 -11.22 -8.39 1.09
N GLN B 158 -11.53 -7.23 1.65
CA GLN B 158 -11.07 -5.94 1.14
C GLN B 158 -10.16 -5.33 2.19
N ARG B 159 -9.03 -4.80 1.76
CA ARG B 159 -8.09 -4.14 2.67
C ARG B 159 -7.63 -2.87 2.00
N GLU B 160 -7.57 -1.76 2.74
CA GLU B 160 -7.01 -0.55 2.17
C GLU B 160 -5.78 -0.12 2.95
N PHE B 161 -4.82 0.42 2.22
CA PHE B 161 -3.51 0.77 2.75
C PHE B 161 -3.23 2.22 2.38
N MET B 162 -2.82 3.01 3.36
CA MET B 162 -2.47 4.40 3.09
C MET B 162 -1.37 4.80 4.05
N ASN B 163 -0.97 6.07 3.96
CA ASN B 163 -0.01 6.65 4.88
C ASN B 163 -0.77 7.42 5.96
N PRO B 164 -0.83 6.92 7.19
CA PRO B 164 -1.65 7.61 8.19
C PRO B 164 -1.20 9.02 8.48
N CYS B 165 0.04 9.39 8.14
CA CYS B 165 0.48 10.74 8.43
C CYS B 165 -0.40 11.79 7.74
N GLU B 166 -0.89 11.50 6.53
CA GLU B 166 -1.77 12.45 5.88
C GLU B 166 -3.13 12.55 6.58
N GLN B 167 -3.60 11.46 7.18
CA GLN B 167 -4.84 11.57 7.94
C GLN B 167 -4.61 12.33 9.24
N PHE B 168 -3.45 12.14 9.88
CA PHE B 168 -3.11 12.98 11.03
C PHE B 168 -3.19 14.46 10.66
N ARG B 169 -2.58 14.83 9.52
CA ARG B 169 -2.59 16.22 9.11
C ARG B 169 -4.01 16.76 8.94
N SER B 170 -4.90 15.96 8.33
CA SER B 170 -6.27 16.41 8.11
C SER B 170 -7.01 16.65 9.42
N LEU B 171 -6.57 16.00 10.50
CA LEU B 171 -7.19 16.12 11.81
C LEU B 171 -6.51 17.15 12.70
N GLY B 172 -5.47 17.81 12.22
CA GLY B 172 -4.73 18.76 13.03
C GLY B 172 -3.79 18.13 14.03
N ILE B 173 -3.50 16.84 13.86
CA ILE B 173 -2.59 16.12 14.74
C ILE B 173 -1.16 16.33 14.26
N GLU B 174 -0.26 16.64 15.18
CA GLU B 174 1.15 16.84 14.86
C GLU B 174 1.78 15.54 14.39
N VAL B 175 2.51 15.60 13.30
CA VAL B 175 3.18 14.43 12.73
C VAL B 175 4.64 14.47 13.14
N PRO B 176 5.18 13.41 13.75
CA PRO B 176 6.61 13.44 14.08
C PRO B 176 7.45 13.48 12.81
N GLU B 177 8.63 14.05 12.94
CA GLU B 177 9.57 14.17 11.85
C GLU B 177 10.79 13.33 12.19
N VAL B 178 11.18 12.45 11.29
CA VAL B 178 12.47 11.78 11.40
C VAL B 178 13.56 12.78 11.06
N ARG B 179 14.53 12.94 11.94
CA ARG B 179 15.64 13.86 11.69
C ARG B 179 16.52 13.30 10.57
N ARG B 180 16.80 14.12 9.57
CA ARG B 180 17.47 13.66 8.36
C ARG B 180 18.86 14.26 8.19
N ASP B 181 19.35 15.01 9.17
CA ASP B 181 20.65 15.66 9.04
C ASP B 181 21.74 14.64 8.75
N GLY B 182 21.69 13.49 9.42
CA GLY B 182 22.71 12.49 9.23
C GLY B 182 22.53 11.64 7.99
N LEU B 183 21.42 11.81 7.30
CA LEU B 183 21.09 10.98 6.16
C LEU B 183 21.49 11.68 4.87
N PRO B 184 21.73 10.92 3.81
CA PRO B 184 22.18 11.54 2.56
C PRO B 184 21.11 12.47 1.99
N SER B 185 21.59 13.52 1.31
CA SER B 185 20.71 14.49 0.68
C SER B 185 21.36 15.02 -0.60
C1 GOL C . 13.15 -0.06 4.18
O1 GOL C . 12.10 0.68 3.61
C2 GOL C . 13.78 -0.97 3.11
O2 GOL C . 13.88 -0.39 1.86
C3 GOL C . 15.19 -1.29 3.70
O3 GOL C . 16.00 -1.70 2.62
H11 GOL C . 12.85 -0.61 4.93
H12 GOL C . 13.82 0.53 4.55
HO1 GOL C . 11.91 0.30 2.88
H2 GOL C . 13.27 -1.78 2.99
HO2 GOL C . 13.22 -0.67 1.40
H31 GOL C . 15.10 -1.95 4.39
H32 GOL C . 15.55 -0.51 4.12
HO3 GOL C . 15.75 -1.27 1.94
C1 GOL D . 0.88 6.03 -10.73
O1 GOL D . 0.39 4.72 -10.78
C2 GOL D . 2.03 6.11 -11.76
O2 GOL D . 2.60 7.37 -11.78
C3 GOL D . 3.04 5.03 -11.32
O3 GOL D . 4.12 5.11 -12.20
H11 GOL D . 1.21 6.28 -9.85
H12 GOL D . 0.19 6.68 -10.95
HO1 GOL D . 0.62 4.34 -10.05
H2 GOL D . 1.69 5.93 -12.65
HO2 GOL D . 3.32 7.34 -11.34
H31 GOL D . 2.61 4.16 -11.31
H32 GOL D . 3.31 5.19 -10.40
HO3 GOL D . 4.61 4.44 -12.05
C1 A1IAM E . 11.62 9.48 7.00
O1 A1IAM E . 13.66 4.69 5.74
S1 A1IAM E . 14.17 9.51 5.85
C2 A1IAM E . 10.45 8.79 7.29
O2 A1IAM E . 9.39 9.41 7.88
C3 A1IAM E . 10.33 7.45 6.96
C4 A1IAM E . 11.36 6.81 6.30
C5 A1IAM E . 12.55 7.47 6.03
C6 A1IAM E . 12.65 8.83 6.37
C7 A1IAM E . 13.73 7.00 5.36
C8 A1IAM E . 14.67 7.99 5.18
C9 A1IAM E . 15.96 7.92 4.46
C10 A1IAM E . 16.79 6.81 4.59
C11 A1IAM E . 18.01 6.76 3.95
C12 A1IAM E . 18.42 7.82 3.15
C13 A1IAM E . 17.60 8.91 3.01
C14 A1IAM E . 16.38 8.96 3.65
C15 A1IAM E . 13.84 5.59 4.94
C16 A1IAM E . 14.05 5.25 3.51
C17 A1IAM E . 14.18 6.22 2.52
C18 A1IAM E . 14.38 5.87 1.20
C19 A1IAM E . 14.45 4.54 0.86
C20 A1IAM E . 14.33 3.55 1.82
C21 A1IAM E . 14.12 3.91 3.13
CL1 A1IAM E . 14.69 4.10 -0.80
H1 A1IAM E . 11.72 10.43 7.25
H13 A1IAM E . 9.59 10.23 8.02
H2 A1IAM E . 9.52 6.96 7.19
H3 A1IAM E . 11.15 5.88 6.06
H4 A1IAM E . 16.60 6.01 5.11
H5 A1IAM E . 18.59 5.99 4.06
H6 A1IAM E . 19.28 7.77 2.69
H7 A1IAM E . 17.89 9.66 2.45
H8 A1IAM E . 15.85 9.77 3.47
H9 A1IAM E . 14.14 7.18 2.68
H10 A1IAM E . 14.46 6.57 0.51
H11 A1IAM E . 14.40 2.61 1.57
H12 A1IAM E . 14.00 3.18 3.77
C1 GOL F . -13.20 6.69 3.47
O1 GOL F . -14.45 6.07 3.33
C2 GOL F . -12.26 5.66 4.12
O2 GOL F . -12.38 4.43 3.50
C3 GOL F . -10.87 6.27 3.99
O3 GOL F . -9.98 5.41 4.65
H11 GOL F . -13.24 7.48 4.01
H12 GOL F . -12.85 6.96 2.62
HO1 GOL F . -14.31 5.24 3.20
H2 GOL F . -12.49 5.50 5.05
HO2 GOL F . -11.61 4.06 3.49
H31 GOL F . -10.88 7.18 4.36
H32 GOL F . -10.65 6.38 3.06
HO3 GOL F . -9.66 4.89 4.05
C1 A1IAM G . -7.04 5.71 13.51
O1 A1IAM G . -10.13 6.39 9.18
S1 A1IAM G . -9.77 5.16 13.87
C2 A1IAM G . -5.99 6.00 12.65
O2 A1IAM G . -4.72 6.14 13.14
C3 A1IAM G . -6.22 6.14 11.29
C4 A1IAM G . -7.49 6.01 10.79
C5 A1IAM G . -8.56 5.68 11.61
C6 A1IAM G . -8.32 5.56 12.98
C7 A1IAM G . -9.94 5.41 11.28
C8 A1IAM G . -10.70 5.13 12.39
C9 A1IAM G . -12.13 4.76 12.49
C10 A1IAM G . -12.54 3.68 13.26
C11 A1IAM G . -13.87 3.30 13.31
C12 A1IAM G . -14.81 4.00 12.57
C13 A1IAM G . -14.42 5.06 11.80
C14 A1IAM G . -13.09 5.46 11.76
C15 A1IAM G . -10.39 5.41 9.88
C16 A1IAM G . -11.08 4.23 9.28
C17 A1IAM G . -11.18 3.03 9.97
C18 A1IAM G . -11.73 1.91 9.35
C19 A1IAM G . -12.18 2.01 8.05
C20 A1IAM G . -12.08 3.19 7.36
C21 A1IAM G . -11.56 4.30 7.99
CL1 A1IAM G . -12.93 0.64 7.29
H1 A1IAM G . -6.90 5.61 14.48
H13 A1IAM G . -4.74 6.01 13.98
H2 A1IAM G . -5.46 6.32 10.69
H3 A1IAM G . -7.54 6.18 9.82
H4 A1IAM G . -11.96 3.11 13.81
H5 A1IAM G . -14.14 2.55 13.87
H6 A1IAM G . -15.74 3.72 12.60
H7 A1IAM G . -15.08 5.55 11.26
H8 A1IAM G . -12.90 6.23 11.20
H9 A1IAM G . -10.90 2.87 10.89
H10 A1IAM G . -11.79 1.06 9.84
H11 A1IAM G . -12.39 3.26 6.43
H12 A1IAM G . -11.54 5.14 7.47
#